data_5L9K
#
_entry.id   5L9K
#
_cell.length_a   47.368
_cell.length_b   96.696
_cell.length_c   54.353
_cell.angle_alpha   90.00
_cell.angle_beta   115.84
_cell.angle_gamma   90.00
#
_symmetry.space_group_name_H-M   'P 1 21 1'
#
loop_
_entity.id
_entity.type
_entity.pdbx_description
1 polymer 'MACROD-TYPE MACRODOMAIN'
2 non-polymer '[(2R,3S,4R,5R)-5-(6-AMINOPURIN-9-YL)-3,4-DIHYDROXY-OXOLAN-2-YL]METHYL [HYDROXY-[[(2R,3S,4R,5S)-3,4,5-TRIHYDROXYOXOLAN-2-YL]METHOXY]PHOSPHORYL] HYDROGEN PHOSPHATE'
3 non-polymer GLYCEROL
4 water water
#
_entity_poly.entity_id   1
_entity_poly.type   'polypeptide(L)'
_entity_poly.pdbx_seq_one_letter_code
;MGSSHHHHHHSSGLVPRGSHMASMKHNINDNTLEIVVGDITKETTNVIVNAANGSLLGGGGVDGAIHHAAGPELLKACQE
MRNNELNGEELPTGEVIITSGFQLPSRFIIHTVGPIWNQTPDLQEELLANCYRNALELVKVKKLSSISFPSISTGVYGYP
IHEAAAIALQTIIQFLQENDVGLVKVVLFSERDYSIYQEKLKYLIEKI
;
_entity_poly.pdbx_strand_id   A,B
#
loop_
_chem_comp.id
_chem_comp.type
_chem_comp.name
_chem_comp.formula
AR6 non-polymer '[(2R,3S,4R,5R)-5-(6-AMINOPURIN-9-YL)-3,4-DIHYDROXY-OXOLAN-2-YL]METHYL [HYDROXY-[[(2R,3S,4R,5S)-3,4,5-TRIHYDROXYOXOLAN-2-YL]METHOXY]PHOSPHORYL] HYDROGEN PHOSPHATE' 'C15 H23 N5 O14 P2'
GOL non-polymer GLYCEROL 'C3 H8 O3'
#
# COMPACT_ATOMS: atom_id res chain seq x y z
N SER A 19 6.87 -16.56 -14.19
CA SER A 19 5.87 -15.54 -14.60
C SER A 19 4.42 -16.09 -14.61
N HIS A 20 4.16 -17.32 -15.06
CA HIS A 20 2.81 -17.89 -14.87
C HIS A 20 2.55 -18.08 -13.38
N MET A 21 1.43 -17.53 -12.91
CA MET A 21 0.99 -17.71 -11.52
C MET A 21 -0.49 -18.07 -11.49
N ALA A 22 -0.77 -19.32 -11.11
CA ALA A 22 -2.12 -19.84 -11.17
C ALA A 22 -3.04 -19.06 -10.23
N SER A 23 -4.31 -18.95 -10.64
CA SER A 23 -5.36 -18.32 -9.83
C SER A 23 -6.74 -18.86 -10.14
N MET A 24 -7.61 -18.79 -9.13
CA MET A 24 -9.03 -19.04 -9.35
C MET A 24 -9.84 -18.29 -8.32
N LYS A 25 -11.07 -17.98 -8.67
CA LYS A 25 -11.92 -17.18 -7.80
C LYS A 25 -13.30 -17.77 -7.73
N HIS A 26 -14.02 -17.40 -6.68
CA HIS A 26 -15.42 -17.80 -6.52
C HIS A 26 -16.16 -16.71 -5.76
N ASN A 27 -17.33 -16.33 -6.25
CA ASN A 27 -18.14 -15.33 -5.57
C ASN A 27 -19.06 -15.98 -4.56
N ILE A 28 -19.12 -15.39 -3.36
CA ILE A 28 -19.96 -15.88 -2.26
C ILE A 28 -20.73 -14.66 -1.81
N ASN A 29 -22.02 -14.64 -2.18
CA ASN A 29 -22.87 -13.44 -2.09
C ASN A 29 -22.19 -12.25 -2.76
N ASP A 30 -21.98 -11.15 -2.07
CA ASP A 30 -21.29 -10.01 -2.67
C ASP A 30 -19.77 -10.04 -2.45
N ASN A 31 -19.26 -11.11 -1.83
CA ASN A 31 -17.82 -11.27 -1.57
C ASN A 31 -17.17 -12.09 -2.67
N THR A 32 -15.85 -12.00 -2.71
CA THR A 32 -15.07 -12.79 -3.64
C THR A 32 -13.96 -13.49 -2.83
N LEU A 33 -13.81 -14.80 -3.07
CA LEU A 33 -12.70 -15.57 -2.53
C LEU A 33 -11.80 -15.92 -3.73
N GLU A 34 -10.53 -15.58 -3.63
CA GLU A 34 -9.54 -15.87 -4.66
C GLU A 34 -8.35 -16.61 -4.05
N ILE A 35 -7.85 -17.62 -4.75
CA ILE A 35 -6.60 -18.30 -4.38
C ILE A 35 -5.62 -18.06 -5.51
N VAL A 36 -4.38 -17.76 -5.14
CA VAL A 36 -3.35 -17.39 -6.12
C VAL A 36 -1.99 -17.89 -5.67
N VAL A 37 -1.10 -18.11 -6.64
CA VAL A 37 0.32 -18.25 -6.35
C VAL A 37 0.92 -16.87 -6.33
N GLY A 38 1.69 -16.58 -5.29
CA GLY A 38 2.38 -15.31 -5.26
C GLY A 38 3.17 -15.06 -4.02
N ASP A 39 3.71 -13.85 -3.93
CA ASP A 39 4.42 -13.38 -2.75
C ASP A 39 3.48 -12.38 -2.05
N ILE A 40 3.15 -12.66 -0.79
CA ILE A 40 2.14 -11.87 -0.10
C ILE A 40 2.61 -10.43 0.12
N THR A 41 3.93 -10.21 0.15
CA THR A 41 4.48 -8.85 0.36
C THR A 41 4.25 -7.94 -0.86
N LYS A 42 3.85 -8.51 -1.99
CA LYS A 42 3.57 -7.75 -3.21
C LYS A 42 2.06 -7.57 -3.48
N GLU A 43 1.22 -8.00 -2.55
CA GLU A 43 -0.23 -7.83 -2.66
C GLU A 43 -0.65 -6.39 -2.35
N THR A 44 -1.56 -5.87 -3.16
CA THR A 44 -2.11 -4.54 -2.95
C THR A 44 -3.51 -4.55 -2.29
N THR A 45 -3.90 -5.66 -1.65
CA THR A 45 -5.09 -5.67 -0.77
C THR A 45 -4.93 -4.66 0.38
N ASN A 46 -6.05 -4.26 0.98
CA ASN A 46 -5.99 -3.30 2.10
C ASN A 46 -5.21 -3.88 3.27
N VAL A 47 -5.33 -5.19 3.49
CA VAL A 47 -4.74 -5.87 4.62
C VAL A 47 -3.97 -7.11 4.13
N ILE A 48 -2.80 -7.35 4.70
CA ILE A 48 -2.15 -8.66 4.59
C ILE A 48 -1.96 -9.25 5.99
N VAL A 49 -1.96 -10.56 6.05
CA VAL A 49 -1.88 -11.28 7.31
C VAL A 49 -0.52 -11.91 7.46
N ASN A 50 0.06 -11.75 8.63
CA ASN A 50 1.36 -12.31 8.93
C ASN A 50 1.18 -13.57 9.77
N ALA A 51 1.84 -14.65 9.35
CA ALA A 51 1.96 -15.85 10.16
C ALA A 51 3.11 -15.67 11.15
N ALA A 52 2.82 -15.03 12.27
CA ALA A 52 3.84 -14.61 13.22
C ALA A 52 4.07 -15.64 14.32
N ASN A 53 4.93 -15.28 15.27
CA ASN A 53 5.03 -15.97 16.54
C ASN A 53 4.57 -15.03 17.66
N GLY A 54 4.30 -15.59 18.82
CA GLY A 54 3.79 -14.80 19.96
C GLY A 54 4.59 -13.56 20.36
N SER A 55 5.91 -13.61 20.14
CA SER A 55 6.76 -12.46 20.45
C SER A 55 6.55 -11.24 19.56
N LEU A 56 6.02 -11.47 18.34
CA LEU A 56 5.87 -10.44 17.30
C LEU A 56 7.18 -9.81 16.79
N LEU A 57 8.33 -10.42 17.08
CA LEU A 57 9.63 -9.81 16.72
C LEU A 57 10.19 -10.30 15.38
N GLY A 58 9.38 -11.01 14.60
CA GLY A 58 9.80 -11.45 13.29
C GLY A 58 10.33 -12.85 13.39
N GLY A 59 10.87 -13.32 12.28
CA GLY A 59 11.28 -14.72 12.09
C GLY A 59 11.75 -14.93 10.67
N GLY A 60 11.61 -16.14 10.16
CA GLY A 60 11.87 -16.43 8.77
C GLY A 60 10.54 -16.60 8.08
N GLY A 61 10.57 -17.30 6.94
CA GLY A 61 9.36 -17.58 6.15
C GLY A 61 8.57 -16.32 5.83
N VAL A 62 7.25 -16.38 5.97
CA VAL A 62 6.43 -15.23 5.59
C VAL A 62 6.62 -14.04 6.54
N ASP A 63 6.85 -14.35 7.83
CA ASP A 63 7.07 -13.34 8.88
C ASP A 63 8.34 -12.55 8.53
N GLY A 64 9.40 -13.28 8.21
CA GLY A 64 10.65 -12.67 7.70
C GLY A 64 10.50 -11.86 6.41
N ALA A 65 9.76 -12.39 5.44
CA ALA A 65 9.50 -11.68 4.21
C ALA A 65 8.77 -10.36 4.49
N ILE A 66 7.72 -10.40 5.31
CA ILE A 66 6.93 -9.22 5.64
C ILE A 66 7.79 -8.18 6.36
N HIS A 67 8.61 -8.60 7.31
CA HIS A 67 9.48 -7.66 8.02
C HIS A 67 10.51 -7.02 7.11
N HIS A 68 11.05 -7.81 6.18
CA HIS A 68 12.02 -7.29 5.23
C HIS A 68 11.40 -6.27 4.28
N ALA A 69 10.23 -6.61 3.74
CA ALA A 69 9.50 -5.74 2.83
C ALA A 69 8.94 -4.49 3.52
N ALA A 70 8.38 -4.64 4.72
CA ALA A 70 7.80 -3.50 5.46
C ALA A 70 8.84 -2.47 5.91
N GLY A 71 10.05 -2.96 6.16
CA GLY A 71 11.14 -2.17 6.68
C GLY A 71 11.20 -2.21 8.20
N PRO A 72 12.27 -1.62 8.78
CA PRO A 72 12.53 -1.66 10.23
C PRO A 72 11.50 -0.99 11.14
N GLU A 73 10.62 -0.15 10.60
CA GLU A 73 9.59 0.49 11.42
C GLU A 73 8.55 -0.51 11.92
N LEU A 74 8.38 -1.62 11.19
CA LEU A 74 7.43 -2.64 11.60
C LEU A 74 7.86 -3.27 12.93
N LEU A 75 9.12 -3.70 13.02
CA LEU A 75 9.64 -4.29 14.26
C LEU A 75 9.47 -3.36 15.46
N LYS A 76 9.84 -2.09 15.28
CA LYS A 76 9.61 -1.05 16.30
C LYS A 76 8.16 -0.98 16.72
N ALA A 77 7.25 -1.01 15.76
CA ALA A 77 5.81 -0.97 16.06
C ALA A 77 5.35 -2.18 16.84
N CYS A 78 5.79 -3.37 16.40
CA CYS A 78 5.51 -4.60 17.15
C CYS A 78 6.08 -4.55 18.58
N GLN A 79 7.32 -4.08 18.74
CA GLN A 79 7.96 -3.95 20.06
C GLN A 79 7.18 -3.01 20.99
N GLU A 80 6.69 -1.90 20.44
CA GLU A 80 5.90 -0.93 21.22
C GLU A 80 4.54 -1.50 21.60
N MET A 81 3.92 -2.23 20.67
CA MET A 81 2.70 -2.97 20.96
C MET A 81 2.91 -4.00 22.09
N ARG A 82 4.03 -4.74 22.05
CA ARG A 82 4.37 -5.69 23.11
C ARG A 82 4.55 -4.98 24.47
N ASN A 83 5.28 -3.88 24.46
CA ASN A 83 5.61 -3.14 25.70
C ASN A 83 4.44 -2.35 26.30
N ASN A 84 3.53 -1.87 25.45
CA ASN A 84 2.43 -1.03 25.94
C ASN A 84 1.16 -1.86 26.01
N GLU A 85 0.48 -2.05 24.89
CA GLU A 85 -0.87 -2.64 24.89
C GLU A 85 -0.92 -4.07 25.46
N LEU A 86 0.13 -4.86 25.22
CA LEU A 86 0.20 -6.24 25.74
C LEU A 86 0.90 -6.37 27.12
N ASN A 87 1.47 -5.28 27.62
CA ASN A 87 2.27 -5.27 28.88
C ASN A 87 3.24 -6.44 28.94
N GLY A 88 3.98 -6.64 27.84
CA GLY A 88 4.98 -7.69 27.76
C GLY A 88 4.45 -9.09 27.46
N GLU A 89 3.14 -9.28 27.41
CA GLU A 89 2.56 -10.58 27.10
C GLU A 89 2.76 -10.85 25.61
N GLU A 90 2.80 -12.13 25.27
CA GLU A 90 2.86 -12.57 23.87
C GLU A 90 1.46 -12.66 23.32
N LEU A 91 1.35 -12.58 21.99
CA LEU A 91 0.07 -12.75 21.31
C LEU A 91 -0.34 -14.23 21.38
N PRO A 92 -1.52 -14.54 21.98
CA PRO A 92 -1.91 -15.95 22.04
C PRO A 92 -2.23 -16.56 20.68
N THR A 93 -1.99 -17.86 20.57
CA THR A 93 -2.37 -18.62 19.37
C THR A 93 -3.82 -18.38 18.99
N GLY A 94 -4.03 -18.12 17.71
CA GLY A 94 -5.36 -17.81 17.17
C GLY A 94 -5.83 -16.36 17.23
N GLU A 95 -5.13 -15.53 18.01
CA GLU A 95 -5.52 -14.15 18.22
C GLU A 95 -4.78 -13.24 17.24
N VAL A 96 -5.24 -12.01 17.14
CA VAL A 96 -4.71 -11.08 16.16
C VAL A 96 -4.39 -9.73 16.76
N ILE A 97 -3.42 -9.06 16.15
CA ILE A 97 -3.20 -7.64 16.40
C ILE A 97 -2.97 -6.95 15.07
N ILE A 98 -3.19 -5.64 15.00
CA ILE A 98 -3.06 -4.92 13.71
C ILE A 98 -1.98 -3.85 13.82
N THR A 99 -1.17 -3.71 12.78
CA THR A 99 -0.23 -2.60 12.62
C THR A 99 -0.43 -2.01 11.25
N SER A 100 0.19 -0.84 11.03
CA SER A 100 0.34 -0.28 9.69
C SER A 100 1.11 -1.22 8.77
N GLY A 101 0.98 -0.95 7.48
CA GLY A 101 1.70 -1.70 6.46
C GLY A 101 3.10 -1.17 6.21
N PHE A 102 3.39 0.07 6.63
CA PHE A 102 4.73 0.67 6.46
C PHE A 102 5.15 0.68 4.99
N GLN A 103 6.25 0.02 4.61
CA GLN A 103 6.66 0.01 3.21
C GLN A 103 5.99 -1.07 2.35
N LEU A 104 5.05 -1.82 2.91
CA LEU A 104 4.28 -2.75 2.09
C LEU A 104 3.30 -1.96 1.26
N PRO A 105 2.85 -2.53 0.13
CA PRO A 105 1.78 -1.93 -0.65
C PRO A 105 0.42 -2.02 0.03
N SER A 106 0.30 -2.71 1.18
CA SER A 106 -0.96 -2.76 1.90
C SER A 106 -1.05 -1.65 2.98
N ARG A 107 -2.27 -1.35 3.39
CA ARG A 107 -2.53 -0.33 4.41
C ARG A 107 -2.23 -0.86 5.82
N PHE A 108 -2.54 -2.14 6.07
CA PHE A 108 -2.40 -2.72 7.39
C PHE A 108 -1.85 -4.12 7.30
N ILE A 109 -1.21 -4.55 8.38
CA ILE A 109 -0.81 -5.96 8.57
C ILE A 109 -1.54 -6.48 9.79
N ILE A 110 -2.29 -7.57 9.63
CA ILE A 110 -2.87 -8.25 10.78
C ILE A 110 -1.91 -9.39 11.13
N HIS A 111 -1.34 -9.34 12.33
CA HIS A 111 -0.43 -10.37 12.82
C HIS A 111 -1.22 -11.38 13.60
N THR A 112 -1.04 -12.66 13.28
CA THR A 112 -1.65 -13.75 14.01
C THR A 112 -0.60 -14.83 14.29
N VAL A 113 -0.97 -15.73 15.18
CA VAL A 113 -0.13 -16.86 15.54
C VAL A 113 -0.94 -18.11 15.31
N GLY A 114 -0.51 -18.89 14.35
CA GLY A 114 -1.11 -20.19 14.11
C GLY A 114 -0.69 -21.23 15.14
N PRO A 115 -1.44 -22.32 15.25
CA PRO A 115 -0.98 -23.42 16.11
C PRO A 115 0.27 -24.12 15.56
N ILE A 116 1.12 -24.59 16.48
CA ILE A 116 2.24 -25.49 16.13
C ILE A 116 1.67 -26.90 16.14
N TRP A 117 1.80 -27.60 15.01
CA TRP A 117 1.15 -28.89 14.80
C TRP A 117 1.38 -29.87 15.95
N ASN A 118 0.27 -30.38 16.49
CA ASN A 118 0.22 -31.38 17.56
C ASN A 118 0.77 -30.96 18.93
N GLN A 119 0.94 -29.65 19.14
CA GLN A 119 1.25 -29.14 20.45
C GLN A 119 0.00 -29.24 21.33
N THR A 120 -1.16 -28.92 20.76
CA THR A 120 -2.45 -29.00 21.46
C THR A 120 -3.45 -29.67 20.52
N PRO A 121 -3.34 -31.01 20.35
CA PRO A 121 -4.09 -31.69 19.29
C PRO A 121 -5.60 -31.48 19.34
N ASP A 122 -6.18 -31.40 20.54
CA ASP A 122 -7.64 -31.27 20.68
C ASP A 122 -8.14 -29.85 20.45
N LEU A 123 -7.26 -28.86 20.50
CA LEU A 123 -7.64 -27.45 20.31
C LEU A 123 -7.19 -26.84 18.96
N GLN A 124 -6.27 -27.50 18.27
CA GLN A 124 -5.57 -26.87 17.14
C GLN A 124 -6.43 -26.54 15.91
N GLU A 125 -7.43 -27.37 15.62
CA GLU A 125 -8.34 -27.05 14.49
C GLU A 125 -9.09 -25.75 14.77
N GLU A 126 -9.63 -25.63 15.98
CA GLU A 126 -10.33 -24.43 16.43
C GLU A 126 -9.39 -23.23 16.44
N LEU A 127 -8.18 -23.43 16.94
CA LEU A 127 -7.20 -22.35 17.05
C LEU A 127 -6.79 -21.84 15.66
N LEU A 128 -6.57 -22.75 14.72
CA LEU A 128 -6.26 -22.29 13.34
C LEU A 128 -7.43 -21.50 12.73
N ALA A 129 -8.65 -22.03 12.85
CA ALA A 129 -9.84 -21.33 12.41
C ALA A 129 -9.93 -19.94 13.03
N ASN A 130 -9.56 -19.82 14.30
CA ASN A 130 -9.57 -18.54 15.00
C ASN A 130 -8.74 -17.46 14.29
N CYS A 131 -7.58 -17.82 13.78
CA CYS A 131 -6.74 -16.89 13.03
C CYS A 131 -7.51 -16.19 11.90
N TYR A 132 -8.21 -17.01 11.11
CA TYR A 132 -9.01 -16.55 10.01
C TYR A 132 -10.25 -15.76 10.49
N ARG A 133 -11.04 -16.32 11.41
CA ARG A 133 -12.24 -15.63 11.91
C ARG A 133 -11.90 -14.29 12.57
N ASN A 134 -10.89 -14.27 13.42
CA ASN A 134 -10.50 -13.05 14.11
C ASN A 134 -9.97 -11.97 13.16
N ALA A 135 -9.19 -12.39 12.16
CA ALA A 135 -8.72 -11.47 11.14
C ALA A 135 -9.87 -10.89 10.31
N LEU A 136 -10.82 -11.75 9.91
CA LEU A 136 -11.92 -11.30 9.10
C LEU A 136 -12.87 -10.39 9.90
N GLU A 137 -13.05 -10.67 11.19
CA GLU A 137 -13.87 -9.80 12.04
C GLU A 137 -13.28 -8.40 12.13
N LEU A 138 -11.96 -8.34 12.22
CA LEU A 138 -11.23 -7.08 12.27
C LEU A 138 -11.34 -6.28 10.96
N VAL A 139 -11.24 -6.97 9.81
CA VAL A 139 -11.46 -6.36 8.51
C VAL A 139 -12.88 -5.75 8.46
N LYS A 140 -13.86 -6.49 8.96
CA LYS A 140 -15.23 -6.00 9.03
C LYS A 140 -15.36 -4.74 9.85
N VAL A 141 -14.87 -4.81 11.09
CA VAL A 141 -14.91 -3.70 12.06
C VAL A 141 -14.32 -2.42 11.49
N LYS A 142 -13.14 -2.54 10.88
CA LYS A 142 -12.46 -1.38 10.33
C LYS A 142 -12.97 -0.96 8.95
N LYS A 143 -13.99 -1.63 8.42
CA LYS A 143 -14.59 -1.29 7.13
C LYS A 143 -13.54 -1.31 6.01
N LEU A 144 -12.66 -2.30 6.11
CA LEU A 144 -11.69 -2.54 5.07
C LEU A 144 -12.41 -3.58 4.21
N SER A 145 -12.01 -3.69 2.97
CA SER A 145 -12.75 -4.47 2.02
C SER A 145 -11.89 -5.49 1.29
N SER A 146 -10.62 -5.62 1.67
CA SER A 146 -9.78 -6.63 1.05
C SER A 146 -8.66 -7.07 1.98
N ILE A 147 -8.39 -8.36 1.93
CA ILE A 147 -7.41 -8.97 2.82
C ILE A 147 -6.78 -10.16 2.13
N SER A 148 -5.48 -10.32 2.34
CA SER A 148 -4.73 -11.50 1.90
C SER A 148 -4.21 -12.31 3.06
N PHE A 149 -4.42 -13.63 2.98
CA PHE A 149 -3.84 -14.62 3.90
C PHE A 149 -2.75 -15.47 3.25
N PRO A 150 -1.70 -15.83 4.01
CA PRO A 150 -0.80 -16.88 3.63
C PRO A 150 -1.36 -18.20 4.12
N SER A 151 -0.62 -19.26 3.90
CA SER A 151 -0.96 -20.58 4.39
C SER A 151 -0.45 -20.75 5.84
N ILE A 152 -1.24 -20.22 6.78
CA ILE A 152 -0.81 -20.13 8.18
C ILE A 152 -0.51 -21.52 8.72
N SER A 153 0.60 -21.63 9.45
CA SER A 153 1.02 -22.83 10.18
C SER A 153 1.57 -23.99 9.35
N THR A 154 1.60 -23.89 8.02
CA THR A 154 2.04 -25.05 7.20
C THR A 154 3.53 -25.04 6.86
N GLY A 155 4.28 -24.03 7.31
CA GLY A 155 5.71 -23.99 7.13
C GLY A 155 6.41 -24.61 8.30
N VAL A 156 7.14 -23.78 9.05
CA VAL A 156 7.85 -24.21 10.24
C VAL A 156 6.94 -24.78 11.34
N TYR A 157 5.71 -24.29 11.42
CA TYR A 157 4.74 -24.83 12.39
C TYR A 157 4.19 -26.23 12.04
N GLY A 158 4.48 -26.75 10.86
CA GLY A 158 4.34 -28.19 10.58
C GLY A 158 2.92 -28.72 10.35
N TYR A 159 1.94 -27.82 10.21
CA TYR A 159 0.54 -28.24 10.05
C TYR A 159 0.38 -28.85 8.66
N PRO A 160 -0.10 -30.12 8.55
CA PRO A 160 -0.28 -30.73 7.23
C PRO A 160 -1.14 -29.85 6.33
N ILE A 161 -0.64 -29.54 5.14
CA ILE A 161 -1.30 -28.64 4.18
C ILE A 161 -2.73 -29.06 3.81
N HIS A 162 -2.97 -30.36 3.60
CA HIS A 162 -4.31 -30.83 3.24
C HIS A 162 -5.34 -30.51 4.34
N GLU A 163 -4.95 -30.69 5.60
CA GLU A 163 -5.83 -30.39 6.73
C GLU A 163 -5.97 -28.91 6.98
N ALA A 164 -4.86 -28.19 6.91
CA ALA A 164 -4.89 -26.72 7.07
C ALA A 164 -5.70 -26.03 6.01
N ALA A 165 -5.52 -26.44 4.75
CA ALA A 165 -6.24 -25.85 3.64
C ALA A 165 -7.75 -26.01 3.82
N ALA A 166 -8.17 -27.20 4.24
CA ALA A 166 -9.58 -27.46 4.56
C ALA A 166 -10.10 -26.50 5.64
N ILE A 167 -9.36 -26.35 6.73
CA ILE A 167 -9.78 -25.48 7.83
C ILE A 167 -9.83 -24.02 7.36
N ALA A 168 -8.75 -23.56 6.72
CA ALA A 168 -8.70 -22.20 6.20
C ALA A 168 -9.90 -21.89 5.30
N LEU A 169 -10.11 -22.76 4.31
CA LEU A 169 -11.14 -22.51 3.32
C LEU A 169 -12.54 -22.61 3.92
N GLN A 170 -12.78 -23.62 4.74
CA GLN A 170 -14.10 -23.81 5.37
C GLN A 170 -14.44 -22.58 6.21
N THR A 171 -13.47 -22.11 6.99
CA THR A 171 -13.65 -20.93 7.85
C THR A 171 -13.94 -19.66 7.04
N ILE A 172 -13.13 -19.42 6.02
CA ILE A 172 -13.34 -18.26 5.16
C ILE A 172 -14.70 -18.32 4.45
N ILE A 173 -15.01 -19.49 3.87
CA ILE A 173 -16.28 -19.65 3.14
C ILE A 173 -17.47 -19.37 4.06
N GLN A 174 -17.45 -19.94 5.25
CA GLN A 174 -18.53 -19.75 6.24
C GLN A 174 -18.68 -18.28 6.61
N PHE A 175 -17.55 -17.62 6.86
CA PHE A 175 -17.58 -16.21 7.19
C PHE A 175 -18.19 -15.37 6.07
N LEU A 176 -17.80 -15.65 4.84
CA LEU A 176 -18.27 -14.89 3.69
C LEU A 176 -19.73 -15.20 3.34
N GLN A 177 -20.22 -16.37 3.73
CA GLN A 177 -21.64 -16.71 3.62
C GLN A 177 -22.51 -15.90 4.59
N GLU A 178 -21.96 -15.58 5.75
CA GLU A 178 -22.70 -14.92 6.84
C GLU A 178 -22.40 -13.42 6.98
N ASN A 179 -21.41 -12.89 6.25
CA ASN A 179 -20.97 -11.50 6.41
C ASN A 179 -20.59 -10.87 5.09
N ASP A 180 -20.78 -9.54 5.01
CA ASP A 180 -20.25 -8.74 3.92
C ASP A 180 -18.84 -8.27 4.30
N VAL A 181 -17.85 -8.62 3.47
CA VAL A 181 -16.42 -8.33 3.73
C VAL A 181 -15.76 -7.66 2.52
N GLY A 182 -15.90 -8.26 1.34
CA GLY A 182 -15.27 -7.79 0.11
C GLY A 182 -14.44 -8.92 -0.47
N LEU A 183 -13.16 -8.68 -0.71
CA LEU A 183 -12.26 -9.66 -1.35
C LEU A 183 -11.38 -10.32 -0.28
N VAL A 184 -11.37 -11.64 -0.27
CA VAL A 184 -10.43 -12.42 0.53
C VAL A 184 -9.56 -13.20 -0.44
N LYS A 185 -8.26 -13.02 -0.32
CA LYS A 185 -7.30 -13.75 -1.16
C LYS A 185 -6.48 -14.66 -0.27
N VAL A 186 -6.21 -15.85 -0.75
CA VAL A 186 -5.23 -16.72 -0.12
C VAL A 186 -4.07 -16.80 -1.09
N VAL A 187 -2.90 -16.43 -0.57
CA VAL A 187 -1.69 -16.33 -1.36
C VAL A 187 -0.81 -17.53 -1.01
N LEU A 188 -0.65 -18.45 -1.98
CA LEU A 188 0.21 -19.62 -1.82
C LEU A 188 1.57 -19.40 -2.46
N PHE A 189 2.59 -19.80 -1.73
CA PHE A 189 3.95 -19.50 -2.10
C PHE A 189 4.53 -20.53 -3.04
N SER A 190 3.85 -21.66 -3.20
CA SER A 190 4.29 -22.71 -4.14
C SER A 190 3.10 -23.20 -4.97
N GLU A 191 3.43 -23.81 -6.11
CA GLU A 191 2.45 -24.38 -7.00
C GLU A 191 1.88 -25.62 -6.35
N ARG A 192 2.70 -26.36 -5.60
CA ARG A 192 2.23 -27.50 -4.80
C ARG A 192 1.09 -27.08 -3.85
N ASP A 193 1.31 -26.02 -3.05
CA ASP A 193 0.24 -25.55 -2.13
C ASP A 193 -0.99 -25.04 -2.87
N TYR A 194 -0.77 -24.28 -3.94
CA TYR A 194 -1.85 -23.82 -4.79
C TYR A 194 -2.73 -24.98 -5.28
N SER A 195 -2.07 -26.01 -5.82
CA SER A 195 -2.77 -27.16 -6.40
CA SER A 195 -2.82 -27.13 -6.41
C SER A 195 -3.67 -27.83 -5.37
N ILE A 196 -3.15 -27.99 -4.15
CA ILE A 196 -3.90 -28.60 -3.06
C ILE A 196 -5.07 -27.69 -2.64
N TYR A 197 -4.80 -26.40 -2.48
CA TYR A 197 -5.89 -25.44 -2.25
C TYR A 197 -6.98 -25.48 -3.34
N GLN A 198 -6.59 -25.55 -4.60
CA GLN A 198 -7.53 -25.55 -5.71
C GLN A 198 -8.48 -26.73 -5.63
N GLU A 199 -7.92 -27.91 -5.36
CA GLU A 199 -8.70 -29.12 -5.24
C GLU A 199 -9.62 -29.07 -4.03
N LYS A 200 -9.13 -28.56 -2.91
CA LYS A 200 -9.95 -28.43 -1.73
C LYS A 200 -11.10 -27.43 -1.94
N LEU A 201 -10.79 -26.29 -2.56
CA LEU A 201 -11.79 -25.26 -2.82
C LEU A 201 -12.89 -25.76 -3.74
N LYS A 202 -12.49 -26.44 -4.80
CA LYS A 202 -13.46 -27.03 -5.74
C LYS A 202 -14.36 -28.02 -5.04
N TYR A 203 -13.78 -28.87 -4.19
CA TYR A 203 -14.53 -29.82 -3.38
C TYR A 203 -15.53 -29.09 -2.49
N LEU A 204 -15.10 -28.05 -1.79
CA LEU A 204 -15.96 -27.32 -0.88
C LEU A 204 -17.09 -26.54 -1.60
N ILE A 205 -16.78 -25.97 -2.75
CA ILE A 205 -17.77 -25.28 -3.60
C ILE A 205 -18.90 -26.20 -4.05
N GLU A 206 -18.55 -27.41 -4.46
CA GLU A 206 -19.53 -28.41 -4.90
C GLU A 206 -20.48 -28.80 -3.75
N LYS A 207 -20.01 -28.73 -2.50
CA LYS A 207 -20.85 -28.96 -1.31
C LYS A 207 -21.80 -27.80 -0.97
N ILE A 208 -21.58 -26.59 -1.52
CA ILE A 208 -22.47 -25.45 -1.25
C ILE A 208 -23.81 -25.68 -1.96
N HIS B 20 -18.70 8.84 -11.21
CA HIS B 20 -17.82 9.07 -12.40
C HIS B 20 -16.57 9.83 -12.03
N MET B 21 -15.41 9.31 -12.47
CA MET B 21 -14.12 10.01 -12.33
C MET B 21 -13.33 9.94 -13.62
N ALA B 22 -13.23 11.09 -14.30
CA ALA B 22 -12.61 11.15 -15.62
C ALA B 22 -11.17 10.67 -15.57
N SER B 23 -10.73 10.04 -16.67
CA SER B 23 -9.34 9.64 -16.83
C SER B 23 -8.89 9.61 -18.28
N MET B 24 -7.59 9.81 -18.49
CA MET B 24 -6.98 9.55 -19.79
C MET B 24 -5.52 9.20 -19.64
N LYS B 25 -5.02 8.43 -20.60
CA LYS B 25 -3.67 7.94 -20.53
C LYS B 25 -2.96 8.09 -21.87
N HIS B 26 -1.64 8.08 -21.81
CA HIS B 26 -0.83 8.12 -23.00
C HIS B 26 0.47 7.39 -22.73
N ASN B 27 0.85 6.52 -23.65
CA ASN B 27 2.09 5.78 -23.54
C ASN B 27 3.23 6.59 -24.13
N ILE B 28 4.35 6.58 -23.42
CA ILE B 28 5.57 7.27 -23.84
C ILE B 28 6.67 6.24 -23.66
N ASN B 29 7.12 5.70 -24.80
CA ASN B 29 7.97 4.53 -24.85
C ASN B 29 7.34 3.39 -24.05
N ASP B 30 8.03 2.83 -23.07
CA ASP B 30 7.46 1.76 -22.26
C ASP B 30 6.75 2.29 -21.00
N ASN B 31 6.69 3.63 -20.85
CA ASN B 31 6.04 4.27 -19.70
C ASN B 31 4.61 4.65 -20.04
N THR B 32 3.83 4.90 -19.00
CA THR B 32 2.45 5.34 -19.17
C THR B 32 2.26 6.59 -18.30
N LEU B 33 1.67 7.62 -18.88
CA LEU B 33 1.24 8.81 -18.15
C LEU B 33 -0.29 8.80 -18.12
N GLU B 34 -0.85 8.87 -16.92
CA GLU B 34 -2.29 8.88 -16.74
C GLU B 34 -2.68 10.10 -15.92
N ILE B 35 -3.75 10.76 -16.33
CA ILE B 35 -4.37 11.84 -15.53
C ILE B 35 -5.74 11.36 -15.12
N VAL B 36 -6.12 11.63 -13.86
CA VAL B 36 -7.36 11.11 -13.31
C VAL B 36 -7.91 12.10 -12.31
N VAL B 37 -9.22 12.06 -12.10
CA VAL B 37 -9.84 12.69 -10.92
C VAL B 37 -9.80 11.69 -9.79
N GLY B 38 -9.34 12.13 -8.62
CA GLY B 38 -9.41 11.26 -7.47
C GLY B 38 -8.87 11.83 -6.21
N ASP B 39 -8.84 10.99 -5.19
CA ASP B 39 -8.22 11.30 -3.92
C ASP B 39 -6.88 10.56 -3.88
N ILE B 40 -5.79 11.32 -3.79
CA ILE B 40 -4.45 10.71 -3.88
C ILE B 40 -4.15 9.70 -2.76
N THR B 41 -4.83 9.84 -1.61
CA THR B 41 -4.65 8.95 -0.48
C THR B 41 -5.24 7.54 -0.72
N LYS B 42 -6.04 7.40 -1.79
CA LYS B 42 -6.66 6.12 -2.15
C LYS B 42 -5.95 5.45 -3.32
N GLU B 43 -4.85 6.03 -3.79
CA GLU B 43 -4.08 5.45 -4.90
C GLU B 43 -3.25 4.26 -4.43
N THR B 44 -3.21 3.23 -5.27
CA THR B 44 -2.41 2.05 -4.96
C THR B 44 -1.10 1.98 -5.77
N THR B 45 -0.65 3.11 -6.32
CA THR B 45 0.71 3.22 -6.87
C THR B 45 1.77 2.93 -5.78
N ASN B 46 2.99 2.59 -6.21
CA ASN B 46 4.07 2.31 -5.25
C ASN B 46 4.35 3.55 -4.40
N VAL B 47 4.32 4.71 -5.05
CA VAL B 47 4.67 5.98 -4.41
C VAL B 47 3.54 6.99 -4.61
N ILE B 48 3.28 7.80 -3.59
CA ILE B 48 2.49 9.01 -3.77
C ILE B 48 3.34 10.22 -3.34
N VAL B 49 3.04 11.36 -3.93
CA VAL B 49 3.76 12.57 -3.64
C VAL B 49 2.91 13.53 -2.82
N ASN B 50 3.53 14.08 -1.80
CA ASN B 50 2.91 15.04 -0.92
C ASN B 50 3.37 16.46 -1.29
N ALA B 51 2.40 17.35 -1.52
CA ALA B 51 2.67 18.79 -1.64
C ALA B 51 2.81 19.37 -0.25
N ALA B 52 4.00 19.25 0.31
CA ALA B 52 4.30 19.57 1.72
C ALA B 52 4.79 21.01 1.89
N ASN B 53 5.10 21.39 3.11
CA ASN B 53 5.86 22.63 3.38
C ASN B 53 7.24 22.22 3.96
N GLY B 54 8.17 23.17 4.00
CA GLY B 54 9.54 22.87 4.45
C GLY B 54 9.71 22.22 5.81
N SER B 55 8.79 22.51 6.73
CA SER B 55 8.83 21.90 8.07
C SER B 55 8.52 20.41 8.07
N LEU B 56 7.81 19.92 7.06
CA LEU B 56 7.33 18.52 6.98
C LEU B 56 6.38 18.12 8.11
N LEU B 57 5.78 19.08 8.81
CA LEU B 57 4.93 18.73 9.94
C LEU B 57 3.45 18.61 9.59
N GLY B 58 3.11 18.69 8.30
CA GLY B 58 1.74 18.55 7.88
C GLY B 58 1.17 19.92 7.64
N GLY B 59 -0.12 19.92 7.35
CA GLY B 59 -0.87 21.10 6.94
C GLY B 59 -2.30 20.75 6.64
N GLY B 60 -2.91 21.50 5.74
CA GLY B 60 -4.24 21.19 5.24
C GLY B 60 -4.06 20.67 3.83
N GLY B 61 -5.14 20.73 3.03
CA GLY B 61 -5.12 20.30 1.64
C GLY B 61 -4.59 18.88 1.50
N VAL B 62 -3.79 18.63 0.47
CA VAL B 62 -3.32 17.27 0.24
C VAL B 62 -2.37 16.75 1.34
N ASP B 63 -1.57 17.64 1.91
CA ASP B 63 -0.63 17.32 3.01
C ASP B 63 -1.44 16.84 4.23
N GLY B 64 -2.47 17.61 4.56
CA GLY B 64 -3.42 17.21 5.61
C GLY B 64 -4.15 15.88 5.33
N ALA B 65 -4.60 15.70 4.09
CA ALA B 65 -5.23 14.44 3.71
C ALA B 65 -4.28 13.25 3.88
N ILE B 66 -3.03 13.40 3.43
CA ILE B 66 -2.03 12.35 3.49
C ILE B 66 -1.69 12.01 4.95
N HIS B 67 -1.51 13.01 5.80
CA HIS B 67 -1.23 12.79 7.20
C HIS B 67 -2.39 12.08 7.90
N HIS B 68 -3.61 12.47 7.58
CA HIS B 68 -4.80 11.86 8.17
C HIS B 68 -4.93 10.40 7.77
N ALA B 69 -4.74 10.13 6.48
CA ALA B 69 -4.85 8.78 5.93
C ALA B 69 -3.69 7.88 6.36
N ALA B 70 -2.46 8.42 6.36
CA ALA B 70 -1.28 7.65 6.76
C ALA B 70 -1.27 7.30 8.26
N GLY B 71 -1.89 8.14 9.07
CA GLY B 71 -1.90 8.00 10.51
C GLY B 71 -0.76 8.72 11.17
N PRO B 72 -0.75 8.72 12.51
CA PRO B 72 0.20 9.52 13.31
C PRO B 72 1.67 9.13 13.21
N GLU B 73 1.97 7.92 12.72
CA GLU B 73 3.35 7.51 12.57
C GLU B 73 4.08 8.33 11.52
N LEU B 74 3.36 8.87 10.53
CA LEU B 74 3.97 9.69 9.50
C LEU B 74 4.60 10.96 10.09
N LEU B 75 3.85 11.67 10.90
CA LEU B 75 4.38 12.90 11.53
C LEU B 75 5.65 12.60 12.32
N LYS B 76 5.61 11.55 13.14
CA LYS B 76 6.80 11.07 13.88
C LYS B 76 7.99 10.80 12.96
N ALA B 77 7.74 10.16 11.83
CA ALA B 77 8.78 9.89 10.83
C ALA B 77 9.34 11.17 10.23
N CYS B 78 8.46 12.11 9.89
CA CYS B 78 8.90 13.42 9.38
C CYS B 78 9.72 14.18 10.44
N GLN B 79 9.26 14.18 11.69
CA GLN B 79 9.97 14.85 12.81
C GLN B 79 11.38 14.26 13.02
N GLU B 80 11.49 12.93 12.93
CA GLU B 80 12.79 12.25 13.12
C GLU B 80 13.72 12.59 11.96
N MET B 81 13.16 12.63 10.75
CA MET B 81 13.90 13.05 9.56
C MET B 81 14.39 14.52 9.67
N ARG B 82 13.54 15.39 10.22
CA ARG B 82 13.95 16.79 10.48
C ARG B 82 15.09 16.85 11.53
N ASN B 83 14.92 16.11 12.62
CA ASN B 83 15.89 16.15 13.74
C ASN B 83 17.23 15.47 13.43
N ASN B 84 17.21 14.42 12.60
CA ASN B 84 18.42 13.64 12.36
C ASN B 84 19.01 14.02 11.01
N GLU B 85 18.45 13.51 9.92
CA GLU B 85 19.08 13.66 8.60
C GLU B 85 19.19 15.11 8.11
N LEU B 86 18.21 15.95 8.47
CA LEU B 86 18.23 17.37 8.09
C LEU B 86 18.89 18.31 9.13
N ASN B 87 19.23 17.78 10.31
CA ASN B 87 19.77 18.55 11.46
C ASN B 87 18.97 19.83 11.68
N GLY B 88 17.64 19.68 11.70
CA GLY B 88 16.74 20.79 11.95
C GLY B 88 16.46 21.71 10.77
N GLU B 89 17.11 21.50 9.62
CA GLU B 89 16.86 22.33 8.45
C GLU B 89 15.52 21.92 7.84
N GLU B 90 14.90 22.85 7.14
CA GLU B 90 13.67 22.60 6.39
C GLU B 90 14.02 22.04 5.03
N LEU B 91 13.06 21.35 4.42
CA LEU B 91 13.22 20.82 3.07
C LEU B 91 13.15 21.97 2.08
N PRO B 92 14.22 22.19 1.28
CA PRO B 92 14.13 23.33 0.34
C PRO B 92 13.09 23.13 -0.77
N THR B 93 12.58 24.25 -1.27
CA THR B 93 11.67 24.26 -2.40
C THR B 93 12.24 23.46 -3.57
N GLY B 94 11.42 22.57 -4.13
CA GLY B 94 11.84 21.73 -5.26
C GLY B 94 12.54 20.43 -4.92
N GLU B 95 12.95 20.26 -3.67
CA GLU B 95 13.66 19.07 -3.23
C GLU B 95 12.68 18.04 -2.66
N VAL B 96 13.18 16.84 -2.42
CA VAL B 96 12.34 15.74 -2.00
C VAL B 96 12.97 14.96 -0.87
N ILE B 97 12.13 14.36 -0.04
CA ILE B 97 12.58 13.33 0.89
C ILE B 97 11.57 12.20 0.81
N ILE B 98 11.94 11.00 1.22
CA ILE B 98 11.05 9.86 1.16
C ILE B 98 10.78 9.26 2.55
N THR B 99 9.53 8.85 2.79
CA THR B 99 9.15 8.10 3.97
C THR B 99 8.34 6.89 3.52
N SER B 100 8.10 5.98 4.46
CA SER B 100 7.10 4.90 4.28
C SER B 100 5.70 5.47 4.02
N GLY B 101 4.84 4.61 3.50
CA GLY B 101 3.44 4.96 3.29
C GLY B 101 2.58 4.78 4.53
N PHE B 102 3.05 4.01 5.51
CA PHE B 102 2.32 3.76 6.78
C PHE B 102 0.94 3.15 6.54
N GLN B 103 -0.15 3.83 6.90
CA GLN B 103 -1.50 3.33 6.63
C GLN B 103 -2.05 3.65 5.25
N LEU B 104 -1.26 4.31 4.38
CA LEU B 104 -1.70 4.52 3.01
C LEU B 104 -1.60 3.21 2.26
N PRO B 105 -2.37 3.07 1.17
CA PRO B 105 -2.21 1.92 0.28
C PRO B 105 -0.93 1.96 -0.56
N SER B 106 -0.13 3.02 -0.48
CA SER B 106 1.17 3.08 -1.17
C SER B 106 2.33 2.63 -0.28
N ARG B 107 3.43 2.23 -0.90
CA ARG B 107 4.63 1.78 -0.18
C ARG B 107 5.42 2.94 0.41
N PHE B 108 5.47 4.06 -0.32
CA PHE B 108 6.28 5.23 0.06
C PHE B 108 5.57 6.53 -0.25
N ILE B 109 5.91 7.56 0.53
CA ILE B 109 5.49 8.92 0.24
C ILE B 109 6.75 9.71 -0.03
N ILE B 110 6.79 10.38 -1.18
CA ILE B 110 7.79 11.36 -1.48
C ILE B 110 7.22 12.71 -1.12
N HIS B 111 7.84 13.36 -0.15
CA HIS B 111 7.46 14.72 0.25
C HIS B 111 8.26 15.74 -0.51
N THR B 112 7.59 16.72 -1.10
CA THR B 112 8.26 17.82 -1.79
C THR B 112 7.61 19.15 -1.36
N VAL B 113 8.28 20.22 -1.69
CA VAL B 113 7.80 21.56 -1.43
C VAL B 113 7.76 22.30 -2.74
N GLY B 114 6.56 22.65 -3.17
CA GLY B 114 6.40 23.46 -4.34
C GLY B 114 6.74 24.94 -4.07
N PRO B 115 7.00 25.70 -5.13
CA PRO B 115 7.14 27.15 -4.94
C PRO B 115 5.82 27.81 -4.53
N ILE B 116 5.91 28.87 -3.73
CA ILE B 116 4.79 29.74 -3.43
C ILE B 116 4.75 30.79 -4.53
N TRP B 117 3.63 30.89 -5.24
CA TRP B 117 3.50 31.72 -6.44
C TRP B 117 4.02 33.15 -6.22
N ASN B 118 4.95 33.53 -7.10
CA ASN B 118 5.58 34.88 -7.14
C ASN B 118 6.46 35.30 -5.97
N GLN B 119 6.84 34.32 -5.14
CA GLN B 119 7.81 34.56 -4.10
C GLN B 119 9.19 34.72 -4.76
N THR B 120 9.48 33.89 -5.76
CA THR B 120 10.74 33.94 -6.49
C THR B 120 10.40 33.83 -7.99
N PRO B 121 9.87 34.92 -8.59
CA PRO B 121 9.30 34.82 -9.95
C PRO B 121 10.26 34.26 -11.02
N ASP B 122 11.55 34.57 -10.91
CA ASP B 122 12.52 34.13 -11.91
C ASP B 122 12.95 32.66 -11.77
N LEU B 123 12.77 32.09 -10.59
CA LEU B 123 13.19 30.72 -10.29
C LEU B 123 12.04 29.70 -10.23
N GLN B 124 10.80 30.18 -10.11
CA GLN B 124 9.67 29.31 -9.73
C GLN B 124 9.28 28.24 -10.75
N GLU B 125 9.44 28.53 -12.04
CA GLU B 125 9.15 27.51 -13.06
C GLU B 125 10.13 26.34 -12.93
N GLU B 126 11.41 26.66 -12.76
CA GLU B 126 12.46 25.65 -12.55
C GLU B 126 12.25 24.87 -11.25
N LEU B 127 11.93 25.61 -10.18
CA LEU B 127 11.70 25.02 -8.87
C LEU B 127 10.50 24.07 -8.87
N LEU B 128 9.42 24.45 -9.55
CA LEU B 128 8.27 23.53 -9.69
C LEU B 128 8.68 22.26 -10.48
N ALA B 129 9.33 22.46 -11.61
CA ALA B 129 9.85 21.35 -12.41
C ALA B 129 10.71 20.43 -11.55
N ASN B 130 11.57 21.02 -10.70
CA ASN B 130 12.42 20.26 -9.78
C ASN B 130 11.64 19.24 -8.93
N CYS B 131 10.48 19.63 -8.41
CA CYS B 131 9.65 18.70 -7.64
C CYS B 131 9.44 17.38 -8.39
N TYR B 132 9.01 17.51 -9.63
CA TYR B 132 8.71 16.38 -10.51
C TYR B 132 9.97 15.59 -10.88
N ARG B 133 10.99 16.29 -11.38
CA ARG B 133 12.26 15.64 -11.77
C ARG B 133 12.90 14.90 -10.61
N ASN B 134 12.99 15.54 -9.44
CA ASN B 134 13.60 14.92 -8.28
C ASN B 134 12.80 13.72 -7.75
N ALA B 135 11.47 13.81 -7.79
CA ALA B 135 10.61 12.70 -7.39
C ALA B 135 10.78 11.52 -8.35
N LEU B 136 10.82 11.80 -9.66
CA LEU B 136 10.97 10.76 -10.65
C LEU B 136 12.35 10.09 -10.61
N GLU B 137 13.41 10.87 -10.38
CA GLU B 137 14.74 10.30 -10.22
C GLU B 137 14.81 9.33 -9.06
N LEU B 138 14.14 9.69 -7.96
CA LEU B 138 14.06 8.83 -6.79
C LEU B 138 13.29 7.52 -7.04
N VAL B 139 12.19 7.61 -7.78
CA VAL B 139 11.46 6.43 -8.20
C VAL B 139 12.37 5.50 -9.00
N LYS B 140 13.14 6.08 -9.91
CA LYS B 140 14.10 5.34 -10.73
C LYS B 140 15.13 4.62 -9.88
N VAL B 141 15.81 5.39 -9.02
CA VAL B 141 16.87 4.89 -8.13
C VAL B 141 16.40 3.70 -7.30
N LYS B 142 15.20 3.83 -6.73
CA LYS B 142 14.66 2.77 -5.88
C LYS B 142 13.95 1.64 -6.64
N LYS B 143 14.00 1.69 -7.97
CA LYS B 143 13.42 0.65 -8.82
C LYS B 143 11.95 0.45 -8.48
N LEU B 144 11.27 1.56 -8.26
CA LEU B 144 9.85 1.53 -8.07
C LEU B 144 9.34 1.81 -9.46
N SER B 145 8.11 1.40 -9.73
CA SER B 145 7.58 1.46 -11.07
C SER B 145 6.24 2.19 -11.18
N SER B 146 5.78 2.83 -10.10
CA SER B 146 4.57 3.63 -10.19
C SER B 146 4.54 4.74 -9.16
N ILE B 147 4.05 5.89 -9.57
CA ILE B 147 4.00 7.09 -8.75
C ILE B 147 2.80 7.97 -9.11
N SER B 148 2.19 8.56 -8.07
CA SER B 148 1.11 9.50 -8.24
C SER B 148 1.54 10.86 -7.71
N PHE B 149 1.29 11.89 -8.53
CA PHE B 149 1.43 13.31 -8.15
C PHE B 149 0.08 14.00 -7.98
N PRO B 150 -0.03 14.91 -6.98
CA PRO B 150 -1.11 15.85 -6.98
C PRO B 150 -0.75 17.07 -7.82
N SER B 151 -1.61 18.09 -7.83
CA SER B 151 -1.35 19.34 -8.53
C SER B 151 -0.55 20.26 -7.59
N ILE B 152 0.77 20.05 -7.55
CA ILE B 152 1.67 20.73 -6.61
C ILE B 152 1.57 22.24 -6.81
N SER B 153 1.44 22.95 -5.70
CA SER B 153 1.47 24.42 -5.63
C SER B 153 0.22 25.16 -6.07
N THR B 154 -0.84 24.48 -6.56
CA THR B 154 -2.00 25.18 -7.11
C THR B 154 -3.14 25.41 -6.12
N GLY B 155 -2.96 25.00 -4.88
CA GLY B 155 -3.92 25.27 -3.79
C GLY B 155 -3.51 26.52 -3.04
N VAL B 156 -3.12 26.32 -1.79
CA VAL B 156 -2.66 27.40 -0.93
C VAL B 156 -1.43 28.15 -1.43
N TYR B 157 -0.56 27.47 -2.15
CA TYR B 157 0.60 28.12 -2.75
C TYR B 157 0.29 28.97 -3.99
N GLY B 158 -0.94 28.93 -4.48
CA GLY B 158 -1.44 29.98 -5.37
C GLY B 158 -0.93 29.98 -6.81
N TYR B 159 -0.24 28.91 -7.23
CA TYR B 159 0.31 28.84 -8.59
C TYR B 159 -0.84 28.67 -9.60
N PRO B 160 -0.94 29.56 -10.62
CA PRO B 160 -2.03 29.39 -11.61
C PRO B 160 -2.05 27.99 -12.24
N ILE B 161 -3.18 27.32 -12.17
CA ILE B 161 -3.31 25.93 -12.66
C ILE B 161 -2.88 25.74 -14.14
N HIS B 162 -3.19 26.69 -15.01
CA HIS B 162 -2.84 26.56 -16.44
C HIS B 162 -1.33 26.55 -16.64
N GLU B 163 -0.62 27.40 -15.90
CA GLU B 163 0.83 27.43 -15.94
C GLU B 163 1.47 26.21 -15.27
N ALA B 164 0.99 25.87 -14.06
CA ALA B 164 1.49 24.70 -13.32
C ALA B 164 1.31 23.40 -14.07
N ALA B 165 0.12 23.22 -14.66
CA ALA B 165 -0.19 22.01 -15.44
C ALA B 165 0.77 21.88 -16.59
N ALA B 166 1.04 22.98 -17.29
CA ALA B 166 2.03 23.00 -18.38
C ALA B 166 3.40 22.56 -17.91
N ILE B 167 3.87 23.13 -16.80
CA ILE B 167 5.18 22.78 -16.23
C ILE B 167 5.21 21.31 -15.79
N ALA B 168 4.19 20.86 -15.05
CA ALA B 168 4.11 19.50 -14.58
C ALA B 168 4.15 18.49 -15.74
N LEU B 169 3.27 18.69 -16.70
CA LEU B 169 3.18 17.76 -17.83
C LEU B 169 4.44 17.78 -18.71
N GLN B 170 4.94 18.96 -19.01
CA GLN B 170 6.18 19.05 -19.82
C GLN B 170 7.32 18.31 -19.17
N THR B 171 7.49 18.52 -17.86
CA THR B 171 8.58 17.89 -17.10
C THR B 171 8.43 16.39 -17.06
N ILE B 172 7.22 15.93 -16.76
CA ILE B 172 6.97 14.49 -16.72
C ILE B 172 7.19 13.87 -18.11
N ILE B 173 6.63 14.47 -19.14
CA ILE B 173 6.73 13.93 -20.53
C ILE B 173 8.22 13.80 -20.90
N GLN B 174 8.97 14.86 -20.65
CA GLN B 174 10.40 14.86 -20.97
C GLN B 174 11.16 13.77 -20.24
N PHE B 175 10.87 13.60 -18.94
CA PHE B 175 11.50 12.56 -18.16
C PHE B 175 11.16 11.16 -18.68
N LEU B 176 9.91 10.95 -19.05
CA LEU B 176 9.49 9.65 -19.54
C LEU B 176 9.98 9.35 -20.95
N GLN B 177 10.28 10.38 -21.73
CA GLN B 177 10.93 10.22 -23.04
C GLN B 177 12.37 9.74 -22.94
N GLU B 178 13.06 10.16 -21.88
CA GLU B 178 14.50 9.91 -21.68
C GLU B 178 14.80 8.80 -20.67
N ASN B 179 13.79 8.30 -19.94
CA ASN B 179 14.00 7.34 -18.86
C ASN B 179 12.90 6.29 -18.78
N ASP B 180 13.27 5.08 -18.36
CA ASP B 180 12.31 4.04 -18.05
C ASP B 180 11.91 4.16 -16.57
N VAL B 181 10.63 4.32 -16.33
CA VAL B 181 10.06 4.56 -14.99
C VAL B 181 8.92 3.59 -14.70
N GLY B 182 7.91 3.57 -15.58
CA GLY B 182 6.71 2.77 -15.37
C GLY B 182 5.50 3.67 -15.52
N LEU B 183 4.65 3.71 -14.49
CA LEU B 183 3.39 4.45 -14.53
C LEU B 183 3.52 5.75 -13.73
N VAL B 184 3.21 6.87 -14.33
CA VAL B 184 3.11 8.15 -13.65
C VAL B 184 1.68 8.62 -13.74
N LYS B 185 1.04 8.81 -12.58
CA LYS B 185 -0.33 9.29 -12.55
C LYS B 185 -0.32 10.68 -11.99
N VAL B 186 -1.12 11.56 -12.56
CA VAL B 186 -1.42 12.85 -11.91
C VAL B 186 -2.87 12.77 -11.44
N VAL B 187 -3.06 13.00 -10.14
CA VAL B 187 -4.36 12.84 -9.50
C VAL B 187 -4.88 14.24 -9.24
N LEU B 188 -5.93 14.63 -9.97
CA LEU B 188 -6.57 15.94 -9.76
C LEU B 188 -7.76 15.78 -8.84
N PHE B 189 -7.94 16.76 -7.95
CA PHE B 189 -8.96 16.68 -6.93
C PHE B 189 -10.32 17.26 -7.34
N SER B 190 -10.35 17.95 -8.48
CA SER B 190 -11.57 18.55 -9.03
C SER B 190 -11.62 18.31 -10.51
N GLU B 191 -12.85 18.37 -11.04
CA GLU B 191 -13.13 18.16 -12.45
C GLU B 191 -12.61 19.34 -13.23
N ARG B 192 -12.69 20.54 -12.63
CA ARG B 192 -12.05 21.73 -13.19
C ARG B 192 -10.55 21.50 -13.47
N ASP B 193 -9.79 21.06 -12.46
CA ASP B 193 -8.35 20.82 -12.69
C ASP B 193 -8.10 19.71 -13.69
N TYR B 194 -8.87 18.62 -13.61
CA TYR B 194 -8.78 17.56 -14.59
C TYR B 194 -8.98 18.08 -16.04
N SER B 195 -10.02 18.89 -16.23
N SER B 195 -10.01 18.89 -16.26
CA SER B 195 -10.35 19.43 -17.55
CA SER B 195 -10.31 19.38 -17.59
C SER B 195 -9.22 20.26 -18.16
C SER B 195 -9.17 20.22 -18.17
N ILE B 196 -8.60 21.07 -17.32
CA ILE B 196 -7.45 21.89 -17.72
C ILE B 196 -6.23 21.01 -18.05
N TYR B 197 -5.94 20.06 -17.17
CA TYR B 197 -4.89 19.07 -17.44
C TYR B 197 -5.10 18.32 -18.76
N GLN B 198 -6.32 17.87 -18.99
CA GLN B 198 -6.65 17.11 -20.21
C GLN B 198 -6.35 17.92 -21.46
N GLU B 199 -6.76 19.19 -21.46
CA GLU B 199 -6.53 20.06 -22.60
C GLU B 199 -5.06 20.37 -22.79
N LYS B 200 -4.34 20.56 -21.68
CA LYS B 200 -2.90 20.77 -21.75
C LYS B 200 -2.17 19.53 -22.25
N LEU B 201 -2.56 18.36 -21.75
CA LEU B 201 -1.93 17.11 -22.16
C LEU B 201 -2.14 16.85 -23.64
N LYS B 202 -3.38 17.02 -24.10
CA LYS B 202 -3.68 16.84 -25.51
C LYS B 202 -2.86 17.77 -26.40
N TYR B 203 -2.73 19.03 -25.95
CA TYR B 203 -1.89 20.00 -26.65
C TYR B 203 -0.44 19.56 -26.71
N LEU B 204 0.12 19.11 -25.59
CA LEU B 204 1.51 18.67 -25.52
C LEU B 204 1.79 17.38 -26.32
N ILE B 205 0.84 16.43 -26.32
CA ILE B 205 0.94 15.19 -27.12
C ILE B 205 1.02 15.47 -28.63
N GLU B 206 0.18 16.38 -29.10
CA GLU B 206 0.16 16.77 -30.52
C GLU B 206 1.51 17.39 -30.95
N LYS B 207 2.21 18.03 -30.02
CA LYS B 207 3.58 18.54 -30.27
C LYS B 207 4.68 17.47 -30.33
N ILE B 208 4.42 16.24 -29.84
CA ILE B 208 5.42 15.17 -29.87
C ILE B 208 5.56 14.67 -31.32
N1 AR6 C . 4.33 -15.02 0.67
C2 AR6 C . 3.39 -15.97 0.89
N3 AR6 C . 3.66 -17.10 1.56
C4 AR6 C . 4.91 -17.38 2.02
C5 AR6 C . 5.98 -16.42 1.82
C6 AR6 C . 5.62 -15.18 1.09
N6 AR6 C . 6.54 -14.21 0.85
N7 AR6 C . 7.07 -16.96 2.39
C8 AR6 C . 6.75 -18.17 2.88
N9 AR6 C . 5.45 -18.40 2.65
PA AR6 C . 5.92 -20.13 7.69
PB AR6 C . 4.24 -20.92 10.01
C1' AR6 C . 4.63 -19.55 3.04
O1A AR6 C . 6.19 -18.72 7.27
O1B AR6 C . 4.35 -22.35 9.57
C1D AR6 C . 8.25 -17.85 11.46
O1D AR6 C . 9.60 -17.84 11.87
C2' AR6 C . 5.34 -20.85 3.40
O2' AR6 C . 5.95 -21.48 2.29
O2A AR6 C . 7.03 -21.06 8.12
O2B AR6 C . 2.96 -20.28 10.48
C2D AR6 C . 7.40 -17.18 12.53
O2D AR6 C . 8.09 -16.09 13.18
C3' AR6 C . 4.15 -21.55 4.00
O3' AR6 C . 3.31 -22.08 2.99
O3A AR6 C . 4.79 -19.93 8.84
C3D AR6 C . 7.05 -18.32 13.44
O3D AR6 C . 8.12 -18.63 14.36
C4' AR6 C . 3.43 -20.44 4.79
O4' AR6 C . 3.92 -19.20 4.24
C4D AR6 C . 6.87 -19.47 12.45
O4D AR6 C . 7.75 -19.20 11.37
C5' AR6 C . 3.68 -20.47 6.31
O5' AR6 C . 5.02 -20.84 6.57
C5D AR6 C . 5.45 -19.60 11.95
O5D AR6 C . 5.42 -20.74 11.07
C1 GOL D . 3.42 -27.45 2.13
O1 GOL D . 4.11 -27.10 0.94
C2 GOL D . 4.24 -26.93 3.27
O2 GOL D . 5.46 -27.68 3.27
C3 GOL D . 4.45 -25.43 3.09
O3 GOL D . 3.18 -24.81 2.83
N1 AR6 E . -5.91 14.25 -3.35
C2 AR6 E . -5.43 14.89 -4.43
N3 AR6 E . -5.35 16.24 -4.48
C4 AR6 E . -5.76 16.99 -3.44
C5 AR6 E . -6.30 16.38 -2.24
C6 AR6 E . -6.35 14.91 -2.24
N6 AR6 E . -6.84 14.26 -1.15
N7 AR6 E . -6.61 17.38 -1.38
C8 AR6 E . -6.32 18.52 -2.01
N9 AR6 E . -5.83 18.28 -3.24
PA AR6 E . -2.53 22.19 -1.61
PB AR6 E . -0.01 23.60 -2.27
C1' AR6 E . -5.34 19.23 -4.26
O1A AR6 E . -2.72 20.96 -0.83
O1B AR6 E . -0.79 24.59 -3.10
C1D AR6 E . -0.30 22.80 3.00
O1D AR6 E . -0.64 23.49 4.18
C2' AR6 E . -5.81 20.66 -4.13
O2' AR6 E . -7.16 20.84 -4.50
O2A AR6 E . -3.13 23.41 -1.01
O2B AR6 E . 1.23 22.95 -2.80
C2D AR6 E . 1.16 22.43 3.01
O2D AR6 E . 1.63 22.03 4.30
C3' AR6 E . -4.84 21.30 -5.11
O3' AR6 E . -5.25 21.08 -6.46
O3A AR6 E . -0.94 22.33 -1.89
C3D AR6 E . 1.81 23.69 2.50
O3D AR6 E . 1.90 24.67 3.54
C4' AR6 E . -3.53 20.52 -4.87
O4' AR6 E . -3.91 19.33 -4.17
C4D AR6 E . 0.82 24.19 1.47
O4D AR6 E . -0.46 23.70 1.89
C5' AR6 E . -2.48 21.29 -4.07
O5' AR6 E . -3.14 22.07 -3.08
C5D AR6 E . 1.18 23.68 0.08
O5D AR6 E . 0.20 24.17 -0.80
C1 GOL F . -6.60 26.12 -8.80
O1 GOL F . -7.35 27.02 -9.63
C2 GOL F . -7.59 25.24 -8.05
O2 GOL F . -8.46 24.67 -9.02
C3 GOL F . -6.92 24.16 -7.18
O3 GOL F . -6.00 23.28 -7.87
C1 GOL G . -5.91 29.81 -13.52
O1 GOL G . -4.73 29.37 -14.25
C2 GOL G . -5.56 30.43 -12.16
O2 GOL G . -6.10 31.76 -12.07
C3 GOL G . -6.09 29.66 -10.95
O3 GOL G . -5.34 28.47 -10.66
#